data_7I9K
#
_entry.id   7I9K
#
_cell.length_a   42.730
_cell.length_b   42.730
_cell.length_c   217.590
_cell.angle_alpha   90.000
_cell.angle_beta   90.000
_cell.angle_gamma   90.000
#
_symmetry.space_group_name_H-M   'P 43 2 2'
#
loop_
_entity.id
_entity.type
_entity.pdbx_description
1 polymer 'Serine protease subunit NS2B'
2 polymer 'Serine protease NS3'
3 non-polymer 'DIMETHYL SULFOXIDE'
4 non-polymer 'benzyl (3-{[3-(2-aminoethyl)phenyl]carbamoyl}-5-chlorophenyl)carbamate'
5 non-polymer 'SULFATE ION'
6 water water
#
loop_
_entity_poly.entity_id
_entity_poly.type
_entity_poly.pdbx_seq_one_letter_code
_entity_poly.pdbx_strand_id
1 'polypeptide(L)' SMGKSVDMYIERAGDITWEKDAEVTGNSPRLDVALDESGDFSLVEE A
2 'polypeptide(L)'
;MKEVKKGETTDGVYRVMTRRLLGSTQVGVGVMQEGVFHTMWHVTKGAALRSGEGRLDPYWGDVKQDLVSYCGPWKLDAAW
DGLSEVQLLAVPPGERAKNIQTLPGIFKTKDGDIGAVALDYPAGTSGSPILDKCGRVIGLYGNGVVIKNGSYVSAITQGK
REEETPVE
;
B
#
loop_
_chem_comp.id
_chem_comp.type
_chem_comp.name
_chem_comp.formula
A1B88 non-polymer 'benzyl (3-{[3-(2-aminoethyl)phenyl]carbamoyl}-5-chlorophenyl)carbamate' 'C23 H22 Cl N3 O3'
DMS non-polymer 'DIMETHYL SULFOXIDE' 'C2 H6 O S'
SO4 non-polymer 'SULFATE ION' 'O4 S -2'
#
# COMPACT_ATOMS: atom_id res chain seq x y z
N ASP A 7 9.27 -18.04 -6.76
CA ASP A 7 10.21 -16.91 -6.75
C ASP A 7 9.56 -15.63 -7.31
N MET A 8 9.66 -14.54 -6.55
CA MET A 8 9.05 -13.25 -6.86
C MET A 8 9.98 -12.23 -7.42
N TYR A 9 9.47 -11.34 -8.28
CA TYR A 9 10.29 -10.31 -8.89
C TYR A 9 9.56 -8.98 -9.03
N ILE A 10 10.30 -7.88 -9.12
CA ILE A 10 9.66 -6.56 -9.24
C ILE A 10 9.87 -5.94 -10.62
N GLU A 11 8.92 -5.10 -11.04
CA GLU A 11 8.94 -4.45 -12.36
C GLU A 11 8.49 -3.02 -12.15
N ARG A 12 9.28 -2.02 -12.60
CA ARG A 12 8.88 -0.62 -12.40
C ARG A 12 7.55 -0.31 -13.06
N ALA A 13 6.63 0.37 -12.36
CA ALA A 13 5.33 0.75 -12.92
C ALA A 13 5.16 2.26 -13.16
N GLY A 14 5.99 3.10 -12.54
CA GLY A 14 5.89 4.53 -12.73
C GLY A 14 6.50 5.36 -11.63
N ASP A 15 6.40 6.69 -11.76
CA ASP A 15 6.92 7.61 -10.76
C ASP A 15 5.85 7.84 -9.72
N ILE A 16 6.25 8.27 -8.52
CA ILE A 16 5.32 8.63 -7.46
C ILE A 16 5.15 10.16 -7.49
N THR A 17 4.04 10.61 -8.10
N THR A 17 4.06 10.63 -8.11
CA THR A 17 3.74 12.03 -8.22
CA THR A 17 3.82 12.06 -8.29
C THR A 17 2.25 12.28 -8.02
C THR A 17 2.30 12.36 -8.20
N TRP A 18 1.91 13.48 -7.57
CA TRP A 18 0.51 13.90 -7.46
C TRP A 18 0.06 14.29 -8.89
N GLU A 19 -1.16 13.91 -9.29
CA GLU A 19 -1.66 14.24 -10.62
C GLU A 19 -2.75 15.30 -10.48
N LYS A 20 -2.50 16.49 -11.04
CA LYS A 20 -3.51 17.55 -11.01
C LYS A 20 -4.66 17.13 -11.90
N ASP A 21 -5.90 17.38 -11.46
CA ASP A 21 -7.10 17.00 -12.21
C ASP A 21 -7.23 15.48 -12.40
N ALA A 22 -6.91 14.72 -11.34
CA ALA A 22 -7.09 13.28 -11.36
C ALA A 22 -8.59 12.99 -11.12
N GLU A 23 -9.05 11.78 -11.48
CA GLU A 23 -10.45 11.38 -11.25
C GLU A 23 -10.71 11.36 -9.73
N VAL A 24 -11.73 12.09 -9.24
CA VAL A 24 -12.03 12.16 -7.80
C VAL A 24 -13.22 11.26 -7.46
N THR A 25 -13.07 10.31 -6.49
CA THR A 25 -14.16 9.39 -6.14
C THR A 25 -13.97 8.80 -4.71
N GLY A 26 -14.84 7.90 -4.29
CA GLY A 26 -14.78 7.32 -2.96
C GLY A 26 -15.45 8.20 -1.92
N ASN A 27 -15.95 7.57 -0.86
CA ASN A 27 -16.54 8.31 0.25
C ASN A 27 -15.57 8.30 1.48
N SER A 28 -15.98 8.84 2.67
CA SER A 28 -15.11 8.97 3.84
C SER A 28 -15.82 8.40 5.10
N PRO A 29 -15.95 7.08 5.20
CA PRO A 29 -16.69 6.51 6.33
C PRO A 29 -15.93 6.60 7.64
N ARG A 30 -16.65 6.77 8.76
CA ARG A 30 -16.02 6.75 10.07
C ARG A 30 -16.45 5.40 10.65
N LEU A 31 -15.50 4.47 10.82
CA LEU A 31 -15.83 3.13 11.28
C LEU A 31 -15.14 2.76 12.59
N ASP A 32 -15.86 2.07 13.51
CA ASP A 32 -15.23 1.61 14.73
C ASP A 32 -14.59 0.27 14.38
N VAL A 33 -13.26 0.13 14.53
CA VAL A 33 -12.60 -1.12 14.17
C VAL A 33 -11.68 -1.67 15.28
N ALA A 34 -11.36 -2.96 15.19
CA ALA A 34 -10.43 -3.66 16.06
C ALA A 34 -9.33 -4.27 15.19
N LEU A 35 -8.10 -4.36 15.70
CA LEU A 35 -6.98 -4.92 14.96
C LEU A 35 -6.41 -6.07 15.80
N ASP A 36 -6.39 -7.30 15.23
CA ASP A 36 -5.91 -8.44 16.00
C ASP A 36 -4.39 -8.68 15.77
N GLU A 37 -3.82 -9.64 16.51
CA GLU A 37 -2.42 -10.01 16.45
C GLU A 37 -2.00 -10.49 15.06
N SER A 38 -2.95 -11.02 14.26
CA SER A 38 -2.65 -11.45 12.88
C SER A 38 -2.69 -10.29 11.86
N GLY A 39 -2.95 -9.07 12.31
CA GLY A 39 -3.03 -7.92 11.39
C GLY A 39 -4.35 -7.79 10.67
N ASP A 40 -5.39 -8.50 11.14
CA ASP A 40 -6.70 -8.43 10.51
C ASP A 40 -7.57 -7.39 11.20
N PHE A 41 -8.10 -6.45 10.42
CA PHE A 41 -9.02 -5.46 10.93
C PHE A 41 -10.43 -6.05 10.91
N SER A 42 -11.24 -5.72 11.91
CA SER A 42 -12.65 -6.13 11.94
C SER A 42 -13.54 -4.98 12.42
N LEU A 43 -14.81 -4.99 12.02
CA LEU A 43 -15.74 -3.94 12.44
C LEU A 43 -16.25 -4.27 13.85
N VAL A 44 -16.28 -3.26 14.73
CA VAL A 44 -16.78 -3.43 16.09
C VAL A 44 -18.25 -3.09 16.10
N GLU A 45 -19.10 -3.97 16.69
CA GLU A 45 -20.54 -3.67 16.77
C GLU A 45 -21.03 -3.96 18.18
N GLY B 7 20.29 -4.70 -9.71
CA GLY B 7 18.98 -4.44 -10.29
C GLY B 7 18.58 -2.98 -10.35
N GLU B 8 17.34 -2.70 -10.79
CA GLU B 8 16.87 -1.32 -10.86
C GLU B 8 16.49 -0.84 -9.47
N THR B 9 17.18 0.18 -8.98
N THR B 9 17.20 0.17 -8.98
CA THR B 9 16.88 0.73 -7.65
CA THR B 9 16.92 0.75 -7.68
C THR B 9 16.44 2.20 -7.75
C THR B 9 16.42 2.18 -7.75
N THR B 10 15.99 2.66 -8.94
CA THR B 10 15.49 4.02 -9.11
C THR B 10 14.20 4.12 -8.30
N ASP B 11 14.00 5.25 -7.60
CA ASP B 11 12.79 5.51 -6.84
C ASP B 11 11.55 5.33 -7.76
N GLY B 12 10.43 4.91 -7.19
CA GLY B 12 9.22 4.74 -7.97
C GLY B 12 8.32 3.64 -7.43
N VAL B 13 7.20 3.44 -8.13
CA VAL B 13 6.24 2.41 -7.77
C VAL B 13 6.52 1.17 -8.62
N TYR B 14 6.51 -0.03 -8.02
CA TYR B 14 6.83 -1.27 -8.74
C TYR B 14 5.75 -2.31 -8.52
N ARG B 15 5.56 -3.19 -9.51
CA ARG B 15 4.66 -4.31 -9.38
C ARG B 15 5.45 -5.44 -8.73
N VAL B 16 4.79 -6.30 -7.96
CA VAL B 16 5.40 -7.48 -7.35
C VAL B 16 4.74 -8.68 -8.06
N MET B 17 5.53 -9.38 -8.84
CA MET B 17 5.07 -10.48 -9.68
C MET B 17 5.58 -11.83 -9.22
N THR B 18 4.88 -12.90 -9.60
CA THR B 18 5.31 -14.27 -9.35
C THR B 18 5.04 -15.14 -10.58
N ARG B 19 5.92 -16.11 -10.85
CA ARG B 19 5.73 -17.07 -11.94
C ARG B 19 5.40 -18.49 -11.40
N ARG B 20 5.14 -18.63 -10.09
CA ARG B 20 4.82 -19.92 -9.47
C ARG B 20 3.49 -20.44 -9.99
N LEU B 21 2.50 -19.55 -10.08
CA LEU B 21 1.18 -19.90 -10.56
C LEU B 21 1.12 -19.86 -12.12
N LEU B 22 -0.07 -19.87 -12.72
CA LEU B 22 -0.20 -19.80 -14.17
C LEU B 22 0.33 -18.45 -14.68
N GLY B 23 1.08 -18.47 -15.79
CA GLY B 23 1.71 -17.29 -16.39
C GLY B 23 2.48 -16.45 -15.39
N SER B 24 2.42 -15.12 -15.52
CA SER B 24 3.05 -14.22 -14.57
C SER B 24 1.91 -13.49 -13.93
N THR B 25 1.76 -13.65 -12.61
CA THR B 25 0.65 -13.10 -11.84
C THR B 25 1.13 -11.98 -10.94
N GLN B 26 0.37 -10.89 -10.88
CA GLN B 26 0.72 -9.80 -9.99
C GLN B 26 0.11 -10.06 -8.63
N VAL B 27 0.96 -10.25 -7.63
CA VAL B 27 0.53 -10.48 -6.25
C VAL B 27 0.44 -9.19 -5.42
N GLY B 28 1.09 -8.12 -5.87
CA GLY B 28 1.01 -6.85 -5.16
C GLY B 28 1.85 -5.76 -5.77
N VAL B 29 2.10 -4.70 -5.01
CA VAL B 29 2.78 -3.49 -5.42
C VAL B 29 3.69 -2.99 -4.29
N GLY B 30 4.71 -2.22 -4.65
CA GLY B 30 5.58 -1.62 -3.65
C GLY B 30 6.23 -0.33 -4.06
N VAL B 31 6.90 0.33 -3.11
CA VAL B 31 7.56 1.62 -3.26
C VAL B 31 9.06 1.49 -3.07
N MET B 32 9.83 2.03 -4.00
CA MET B 32 11.28 2.09 -3.86
C MET B 32 11.60 3.54 -3.46
N GLN B 33 12.26 3.73 -2.34
CA GLN B 33 12.65 5.05 -1.87
C GLN B 33 13.89 4.94 -1.03
N GLU B 34 14.91 5.76 -1.35
CA GLU B 34 16.19 5.77 -0.63
C GLU B 34 16.87 4.38 -0.55
N GLY B 35 16.84 3.65 -1.66
CA GLY B 35 17.44 2.33 -1.79
C GLY B 35 16.72 1.21 -1.06
N VAL B 36 15.51 1.47 -0.53
CA VAL B 36 14.74 0.45 0.24
C VAL B 36 13.40 0.18 -0.48
N PHE B 37 13.02 -1.09 -0.59
CA PHE B 37 11.75 -1.44 -1.21
C PHE B 37 10.75 -1.70 -0.07
N HIS B 38 9.60 -1.05 -0.13
CA HIS B 38 8.56 -1.11 0.91
C HIS B 38 7.30 -1.74 0.34
N THR B 39 6.76 -2.78 0.99
CA THR B 39 5.49 -3.38 0.54
C THR B 39 4.69 -3.90 1.77
N MET B 40 3.55 -4.57 1.54
CA MET B 40 2.77 -5.13 2.63
C MET B 40 3.24 -6.55 2.87
N TRP B 41 3.23 -6.97 4.15
CA TRP B 41 3.65 -8.32 4.50
CA TRP B 41 3.65 -8.33 4.50
C TRP B 41 2.87 -9.39 3.74
N HIS B 42 1.55 -9.27 3.67
CA HIS B 42 0.72 -10.28 3.00
C HIS B 42 1.01 -10.47 1.50
N VAL B 43 1.63 -9.46 0.82
CA VAL B 43 2.05 -9.60 -0.57
C VAL B 43 3.21 -10.62 -0.75
N THR B 44 4.30 -10.49 0.06
CA THR B 44 5.47 -11.36 -0.15
C THR B 44 5.66 -12.44 0.91
N LYS B 45 4.94 -12.32 2.03
CA LYS B 45 5.14 -13.17 3.22
C LYS B 45 6.62 -13.07 3.69
N GLY B 46 7.27 -11.93 3.43
CA GLY B 46 8.65 -11.70 3.81
C GLY B 46 9.65 -12.46 2.97
N ALA B 47 9.25 -13.08 1.83
CA ALA B 47 10.21 -13.82 0.99
C ALA B 47 11.16 -12.89 0.24
N ALA B 48 12.34 -13.40 -0.19
CA ALA B 48 13.28 -12.60 -0.99
C ALA B 48 12.70 -12.26 -2.35
N LEU B 49 13.15 -11.14 -2.94
CA LEU B 49 12.65 -10.67 -4.23
C LEU B 49 13.78 -10.52 -5.23
N ARG B 50 13.46 -10.67 -6.49
CA ARG B 50 14.39 -10.53 -7.59
C ARG B 50 14.11 -9.17 -8.29
N SER B 51 15.15 -8.47 -8.72
CA SER B 51 15.00 -7.20 -9.44
C SER B 51 16.05 -7.28 -10.53
N GLY B 52 15.68 -7.74 -11.71
CA GLY B 52 16.62 -8.00 -12.80
C GLY B 52 17.44 -9.21 -12.41
N GLU B 53 18.77 -9.07 -12.41
CA GLU B 53 19.65 -10.15 -11.96
C GLU B 53 20.03 -10.02 -10.46
N GLY B 54 19.68 -8.89 -9.83
CA GLY B 54 19.99 -8.68 -8.43
C GLY B 54 18.93 -9.23 -7.49
N ARG B 55 19.29 -9.38 -6.22
CA ARG B 55 18.41 -9.90 -5.20
C ARG B 55 18.13 -8.80 -4.15
N LEU B 56 16.91 -8.77 -3.61
CA LEU B 56 16.54 -7.88 -2.52
C LEU B 56 16.21 -8.77 -1.33
N ASP B 57 16.90 -8.58 -0.21
CA ASP B 57 16.66 -9.39 0.97
C ASP B 57 15.82 -8.62 1.98
N PRO B 58 14.89 -9.29 2.67
CA PRO B 58 14.11 -8.61 3.70
C PRO B 58 15.02 -8.05 4.81
N TYR B 59 14.64 -6.92 5.37
CA TYR B 59 15.42 -6.27 6.42
C TYR B 59 14.60 -6.10 7.69
N TRP B 60 13.34 -5.78 7.56
CA TRP B 60 12.42 -5.58 8.69
C TRP B 60 11.02 -6.00 8.26
N GLY B 61 10.25 -6.57 9.17
CA GLY B 61 8.85 -6.91 8.88
C GLY B 61 8.04 -7.11 10.13
N ASP B 62 6.72 -6.97 10.00
CA ASP B 62 5.83 -7.13 11.14
C ASP B 62 4.45 -7.50 10.62
N VAL B 63 4.01 -8.74 10.92
CA VAL B 63 2.67 -9.24 10.52
C VAL B 63 1.52 -8.36 11.01
N LYS B 64 1.58 -7.84 12.25
CA LYS B 64 0.47 -7.01 12.79
C LYS B 64 0.30 -5.67 12.08
N GLN B 65 1.43 -5.00 11.79
CA GLN B 65 1.37 -3.78 10.97
C GLN B 65 1.06 -4.09 9.47
N ASP B 66 1.33 -5.34 9.05
CA ASP B 66 1.21 -5.90 7.70
C ASP B 66 2.19 -5.15 6.80
N LEU B 67 3.43 -4.92 7.26
CA LEU B 67 4.45 -4.21 6.44
C LEU B 67 5.81 -4.93 6.40
N VAL B 68 6.58 -4.69 5.33
CA VAL B 68 7.94 -5.27 5.21
C VAL B 68 8.81 -4.32 4.41
N SER B 69 10.10 -4.22 4.74
CA SER B 69 11.07 -3.41 3.97
C SER B 69 12.25 -4.32 3.54
N TYR B 70 12.84 -4.02 2.41
CA TYR B 70 13.94 -4.81 1.82
C TYR B 70 15.17 -3.90 1.66
N CYS B 71 16.39 -4.42 1.95
CA CYS B 71 17.68 -3.72 1.81
C CYS B 71 17.97 -2.70 2.89
N GLY B 72 16.95 -2.28 3.65
CA GLY B 72 17.17 -1.30 4.70
C GLY B 72 15.92 -1.06 5.53
N PRO B 73 16.06 -0.20 6.55
CA PRO B 73 14.92 0.08 7.43
C PRO B 73 13.82 0.90 6.75
N TRP B 74 12.55 0.77 7.24
CA TRP B 74 11.41 1.52 6.68
C TRP B 74 11.72 3.03 6.58
N LYS B 75 11.54 3.64 5.39
CA LYS B 75 11.93 5.04 5.15
C LYS B 75 10.79 6.03 5.05
N LEU B 76 9.58 5.56 4.80
CA LEU B 76 8.43 6.42 4.59
C LEU B 76 7.87 6.91 5.92
N ASP B 77 7.83 8.23 6.14
CA ASP B 77 7.32 8.74 7.43
C ASP B 77 6.29 9.87 7.31
N ALA B 78 5.80 10.19 6.11
CA ALA B 78 4.77 11.21 5.96
C ALA B 78 3.44 10.67 6.52
N ALA B 79 2.60 11.60 6.96
CA ALA B 79 1.34 11.25 7.59
C ALA B 79 0.19 12.03 6.98
N TRP B 80 -1.01 11.44 6.94
CA TRP B 80 -2.20 12.16 6.45
C TRP B 80 -2.51 13.27 7.47
N ASP B 81 -2.85 14.48 7.00
CA ASP B 81 -3.10 15.58 7.92
C ASP B 81 -4.49 15.54 8.60
N GLY B 82 -5.33 14.58 8.22
CA GLY B 82 -6.66 14.43 8.80
C GLY B 82 -7.74 15.31 8.19
N LEU B 83 -7.37 16.17 7.22
CA LEU B 83 -8.31 17.11 6.58
C LEU B 83 -8.34 17.06 5.08
N SER B 84 -7.18 16.86 4.46
CA SER B 84 -7.03 17.01 3.03
C SER B 84 -7.27 15.76 2.20
N GLU B 85 -7.64 15.96 0.93
CA GLU B 85 -7.83 14.87 -0.02
C GLU B 85 -6.44 14.27 -0.34
N VAL B 86 -6.41 13.00 -0.69
CA VAL B 86 -5.17 12.27 -0.99
C VAL B 86 -5.32 11.59 -2.36
N GLN B 87 -4.26 10.94 -2.87
CA GLN B 87 -4.37 10.19 -4.10
C GLN B 87 -3.85 8.78 -3.91
N LEU B 88 -4.64 7.78 -4.29
CA LEU B 88 -4.16 6.42 -4.34
C LEU B 88 -3.50 6.31 -5.74
N LEU B 89 -2.22 5.95 -5.76
CA LEU B 89 -1.56 5.71 -7.02
C LEU B 89 -1.78 4.24 -7.24
N ALA B 90 -2.97 3.88 -7.78
CA ALA B 90 -3.33 2.49 -8.00
C ALA B 90 -2.56 1.85 -9.12
N VAL B 91 -1.95 0.71 -8.85
CA VAL B 91 -1.26 -0.08 -9.85
C VAL B 91 -1.97 -1.44 -9.95
N PRO B 92 -3.08 -1.52 -10.72
CA PRO B 92 -3.85 -2.78 -10.80
C PRO B 92 -3.18 -3.83 -11.67
N PRO B 93 -3.48 -5.12 -11.46
CA PRO B 93 -2.86 -6.17 -12.30
C PRO B 93 -3.19 -6.01 -13.81
N GLY B 94 -2.19 -6.12 -14.69
CA GLY B 94 -2.35 -5.96 -16.14
C GLY B 94 -2.77 -4.57 -16.61
N GLU B 95 -2.86 -3.60 -15.69
CA GLU B 95 -3.34 -2.26 -16.06
C GLU B 95 -2.37 -1.14 -15.69
N ARG B 96 -2.43 -0.01 -16.42
CA ARG B 96 -1.56 1.13 -16.21
C ARG B 96 -1.72 1.74 -14.82
N ALA B 97 -0.62 2.31 -14.27
CA ALA B 97 -0.65 3.05 -13.00
C ALA B 97 -1.61 4.26 -13.17
N LYS B 98 -2.54 4.47 -12.24
CA LYS B 98 -3.53 5.52 -12.35
C LYS B 98 -3.80 6.17 -10.99
N ASN B 99 -3.81 7.51 -10.93
CA ASN B 99 -4.01 8.23 -9.68
C ASN B 99 -5.48 8.48 -9.48
N ILE B 100 -6.00 8.15 -8.32
CA ILE B 100 -7.39 8.36 -7.99
C ILE B 100 -7.43 9.21 -6.74
N GLN B 101 -8.14 10.36 -6.79
CA GLN B 101 -8.23 11.29 -5.66
C GLN B 101 -9.43 10.99 -4.79
N THR B 102 -9.29 11.16 -3.46
CA THR B 102 -10.36 10.82 -2.52
C THR B 102 -10.17 11.52 -1.16
N LEU B 103 -11.26 11.72 -0.41
CA LEU B 103 -11.14 12.26 0.93
C LEU B 103 -11.19 11.05 1.85
N PRO B 104 -10.10 10.78 2.61
CA PRO B 104 -10.11 9.59 3.46
C PRO B 104 -11.11 9.70 4.59
N GLY B 105 -11.63 8.56 5.00
CA GLY B 105 -12.45 8.43 6.19
C GLY B 105 -11.55 8.15 7.38
N ILE B 106 -12.12 7.58 8.46
CA ILE B 106 -11.39 7.27 9.69
C ILE B 106 -11.68 5.86 10.20
N PHE B 107 -10.65 5.15 10.63
CA PHE B 107 -10.78 3.90 11.38
C PHE B 107 -10.60 4.36 12.83
N LYS B 108 -11.62 4.20 13.69
CA LYS B 108 -11.53 4.55 15.12
C LYS B 108 -11.16 3.28 15.86
N THR B 109 -9.99 3.23 16.54
CA THR B 109 -9.57 2.04 17.29
C THR B 109 -9.31 2.38 18.79
N LYS B 110 -9.17 1.36 19.64
CA LYS B 110 -8.88 1.59 21.06
C LYS B 110 -7.48 2.20 21.28
N ASP B 111 -6.59 2.09 20.28
CA ASP B 111 -5.24 2.63 20.35
C ASP B 111 -5.06 3.88 19.49
N GLY B 112 -6.15 4.48 19.00
CA GLY B 112 -6.06 5.68 18.19
C GLY B 112 -6.80 5.62 16.85
N ASP B 113 -6.81 6.73 16.14
CA ASP B 113 -7.49 6.80 14.86
C ASP B 113 -6.53 6.71 13.67
N ILE B 114 -6.96 6.01 12.61
CA ILE B 114 -6.15 5.82 11.41
C ILE B 114 -6.95 6.27 10.19
N GLY B 115 -6.30 6.91 9.22
CA GLY B 115 -6.97 7.29 7.98
C GLY B 115 -7.38 6.04 7.20
N ALA B 116 -8.44 6.14 6.42
CA ALA B 116 -8.91 5.01 5.63
C ALA B 116 -9.39 5.45 4.26
N VAL B 117 -9.10 4.67 3.21
CA VAL B 117 -9.54 5.01 1.86
CA VAL B 117 -9.50 4.99 1.87
C VAL B 117 -10.58 4.01 1.36
N ALA B 118 -11.73 4.54 0.89
CA ALA B 118 -12.81 3.69 0.42
C ALA B 118 -12.78 3.64 -1.09
N LEU B 119 -11.86 2.81 -1.62
CA LEU B 119 -11.67 2.61 -3.05
C LEU B 119 -11.56 1.09 -3.29
N ASP B 120 -12.14 0.60 -4.39
CA ASP B 120 -12.20 -0.83 -4.65
C ASP B 120 -11.37 -1.34 -5.81
N TYR B 121 -10.27 -2.01 -5.50
CA TYR B 121 -9.38 -2.54 -6.50
C TYR B 121 -9.10 -4.02 -6.26
N PRO B 122 -8.69 -4.78 -7.29
CA PRO B 122 -8.32 -6.20 -7.08
C PRO B 122 -7.26 -6.37 -5.97
N ALA B 123 -7.25 -7.52 -5.29
CA ALA B 123 -6.32 -7.82 -4.19
C ALA B 123 -4.84 -7.65 -4.59
N GLY B 124 -4.54 -7.90 -5.85
CA GLY B 124 -3.19 -7.75 -6.40
C GLY B 124 -2.70 -6.31 -6.51
N THR B 125 -3.57 -5.34 -6.17
CA THR B 125 -3.26 -3.90 -6.08
C THR B 125 -2.64 -3.56 -4.66
N SER B 126 -2.67 -4.51 -3.70
CA SER B 126 -2.11 -4.34 -2.34
C SER B 126 -0.70 -3.80 -2.38
N GLY B 127 -0.40 -2.78 -1.58
CA GLY B 127 0.93 -2.17 -1.57
C GLY B 127 1.01 -0.89 -2.39
N SER B 128 -0.08 -0.52 -3.11
CA SER B 128 -0.08 0.71 -3.90
C SER B 128 0.01 1.90 -2.92
N PRO B 129 0.87 2.88 -3.22
CA PRO B 129 1.04 4.01 -2.30
C PRO B 129 -0.08 5.02 -2.35
N ILE B 130 -0.40 5.56 -1.18
CA ILE B 130 -1.35 6.65 -1.00
C ILE B 130 -0.47 7.88 -0.77
N LEU B 131 -0.69 8.95 -1.52
CA LEU B 131 0.15 10.14 -1.49
C LEU B 131 -0.56 11.40 -1.00
N ASP B 132 0.22 12.34 -0.46
CA ASP B 132 -0.32 13.66 -0.14
C ASP B 132 -0.08 14.60 -1.36
N LYS B 133 -0.55 15.87 -1.27
CA LYS B 133 -0.43 16.85 -2.36
C LYS B 133 1.03 17.15 -2.76
N CYS B 134 1.99 16.89 -1.84
CA CYS B 134 3.42 17.05 -2.16
C CYS B 134 4.05 15.81 -2.82
N GLY B 135 3.25 14.77 -3.05
CA GLY B 135 3.72 13.53 -3.65
C GLY B 135 4.38 12.58 -2.65
N ARG B 136 4.38 12.93 -1.34
CA ARG B 136 5.00 12.05 -0.34
C ARG B 136 4.07 10.89 0.01
N VAL B 137 4.64 9.70 0.18
CA VAL B 137 3.87 8.51 0.51
C VAL B 137 3.43 8.51 1.97
N ILE B 138 2.13 8.63 2.22
CA ILE B 138 1.58 8.62 3.58
C ILE B 138 1.14 7.25 4.07
N GLY B 139 1.28 6.24 3.22
CA GLY B 139 0.94 4.87 3.58
C GLY B 139 0.72 4.01 2.36
N LEU B 140 0.42 2.74 2.60
CA LEU B 140 0.16 1.75 1.55
C LEU B 140 -1.28 1.22 1.69
N TYR B 141 -1.88 0.92 0.53
CA TYR B 141 -3.24 0.45 0.37
C TYR B 141 -3.32 -1.06 0.31
N GLY B 142 -4.27 -1.67 1.03
CA GLY B 142 -4.43 -3.12 0.95
C GLY B 142 -4.68 -3.89 2.24
N ASN B 143 -4.77 -3.21 3.40
CA ASN B 143 -5.13 -3.91 4.63
C ASN B 143 -6.27 -3.12 5.24
N GLY B 144 -7.42 -3.75 5.32
CA GLY B 144 -8.62 -3.07 5.80
C GLY B 144 -9.74 -4.01 6.08
N VAL B 145 -10.99 -3.56 5.79
CA VAL B 145 -12.16 -4.37 6.10
C VAL B 145 -13.23 -4.34 5.00
N VAL B 146 -14.11 -5.36 4.99
CA VAL B 146 -15.22 -5.39 4.02
C VAL B 146 -16.42 -4.90 4.81
N ILE B 147 -17.02 -3.78 4.39
CA ILE B 147 -18.15 -3.21 5.12
C ILE B 147 -19.50 -3.83 4.65
N LYS B 148 -20.62 -3.57 5.37
CA LYS B 148 -21.95 -4.16 5.11
C LYS B 148 -22.33 -4.34 3.64
N ASN B 149 -22.18 -3.29 2.83
CA ASN B 149 -22.54 -3.28 1.41
C ASN B 149 -21.51 -3.92 0.50
N GLY B 150 -20.71 -4.84 1.05
CA GLY B 150 -19.63 -5.53 0.34
C GLY B 150 -18.46 -4.66 -0.08
N SER B 151 -18.54 -3.34 0.20
CA SER B 151 -17.51 -2.37 -0.15
CA SER B 151 -17.51 -2.37 -0.15
C SER B 151 -16.21 -2.66 0.60
N TYR B 152 -15.06 -2.23 0.03
CA TYR B 152 -13.77 -2.45 0.68
C TYR B 152 -13.24 -1.13 1.19
N VAL B 153 -12.80 -1.09 2.46
CA VAL B 153 -12.21 0.13 3.01
C VAL B 153 -10.83 -0.20 3.56
N SER B 154 -9.77 0.30 2.89
CA SER B 154 -8.41 0.01 3.35
C SER B 154 -7.94 1.05 4.35
N ALA B 155 -7.15 0.65 5.35
CA ALA B 155 -6.48 1.61 6.23
C ALA B 155 -5.38 2.27 5.36
N ILE B 156 -4.92 3.46 5.79
CA ILE B 156 -3.76 4.10 5.23
C ILE B 156 -2.65 3.54 6.14
N THR B 157 -1.94 2.47 5.69
CA THR B 157 -0.95 1.83 6.58
C THR B 157 0.43 2.44 6.43
N GLN B 158 0.94 3.04 7.48
CA GLN B 158 2.26 3.66 7.46
C GLN B 158 3.19 3.00 8.54
N GLY B 159 4.47 2.86 8.22
CA GLY B 159 5.45 2.33 9.16
C GLY B 159 6.16 3.40 9.95
N LYS B 160 6.98 2.99 10.92
CA LYS B 160 7.74 3.95 11.73
C LYS B 160 9.15 4.12 11.14
N ARG B 161 9.64 5.36 11.06
CA ARG B 161 11.00 5.60 10.56
C ARG B 161 11.92 5.85 11.76
N GLU B 162 12.78 4.86 12.09
CA GLU B 162 13.71 4.95 13.23
C GLU B 162 14.69 6.12 13.11
S DMS C . 9.07 -17.14 3.63
O DMS C . 9.78 -15.86 3.97
C1 DMS C . 10.13 -18.09 2.51
C2 DMS C . 7.75 -16.85 2.43
N1 A1B88 D . -5.97 -7.96 1.46
C4 A1B88 D . -4.60 -11.09 2.89
C5 A1B88 D . -5.21 -10.20 2.01
C6 A1B88 D . -5.33 -8.86 2.37
C7 A1B88 D . -7.09 -8.18 0.73
C8 A1B88 D . -7.55 -7.07 -0.14
C10 A1B88 D . -7.22 -5.20 -1.61
C13 A1B88 D . -11.40 -5.83 -2.86
C15 A1B88 D . -13.58 -8.13 -4.70
C17 A1B88 D . -14.38 -10.25 -3.87
C20 A1B88 D . -14.15 -8.43 -5.93
C21 A1B88 D . -8.90 -7.09 -0.52
C22 A1B88 D . -4.84 -8.43 3.59
O1 A1B88 D . -11.44 -4.76 -3.42
O2 A1B88 D . -12.03 -6.95 -3.28
C14 A1B88 D . -12.84 -6.83 -4.48
C19 A1B88 D . -14.81 -9.63 -6.13
C18 A1B88 D . -14.92 -10.54 -5.09
C16 A1B88 D . -13.71 -9.05 -3.68
N2 A1B88 D . -10.78 -6.09 -1.67
C12 A1B88 D . -9.40 -6.16 -1.42
C11 A1B88 D . -8.54 -5.22 -2.00
CL A1B88 D . -6.14 -4.07 -2.36
C9 A1B88 D . -6.71 -6.10 -0.68
O A1B88 D . -7.71 -9.24 0.77
C3 A1B88 D . -4.10 -10.64 4.09
C2 A1B88 D . -4.18 -9.30 4.45
C1 A1B88 D . -3.41 -8.77 5.64
C A1B88 D . -3.82 -9.42 6.94
N A1B88 D . -5.25 -9.16 7.11
S DMS E . -8.66 -7.47 3.61
O DMS E . -7.99 -6.16 3.89
C1 DMS E . -8.22 -8.66 4.92
C2 DMS E . -10.42 -7.38 4.05
S SO4 F . -19.18 -0.11 -3.41
O1 SO4 F . -19.84 -1.30 -2.86
O2 SO4 F . -19.13 -0.20 -4.87
O3 SO4 F . -19.89 1.11 -2.96
O4 SO4 F . -17.77 -0.02 -3.01
S SO4 G . -2.79 1.07 -21.76
O1 SO4 G . -4.19 0.77 -21.42
O2 SO4 G . -2.65 2.49 -22.11
O3 SO4 G . -1.95 0.80 -20.58
O4 SO4 G . -2.37 0.23 -22.89
S SO4 H . -9.99 -9.94 -5.50
O1 SO4 H . -8.76 -10.41 -6.13
O2 SO4 H . -10.92 -9.45 -6.52
O3 SO4 H . -10.62 -11.04 -4.74
O4 SO4 H . -9.69 -8.86 -4.55
#